data_2I7A
#
_entry.id   2I7A
#
_cell.length_a   86.115
_cell.length_b   86.115
_cell.length_c   47.417
_cell.angle_alpha   90.00
_cell.angle_beta   90.00
_cell.angle_gamma   120.00
#
_symmetry.space_group_name_H-M   'P 32 2 1'
#
loop_
_entity.id
_entity.type
_entity.pdbx_description
1 polymer 'Calpain 13'
2 non-polymer 'CALCIUM ION'
3 non-polymer 'SULFATE ION'
4 non-polymer GLYCEROL
5 water water
#
_entity_poly.entity_id   1
_entity_poly.type   'polypeptide(L)'
_entity_poly.pdbx_seq_one_letter_code
;MGSSHHHHHHSSGLVPRGSDIDATQLQGLLNQELLTGPPGDMFSLDECRSLVALMELKVNGRLDQEEFARLWKRLVHYQH
VFQKVQTSPGVLLSSDLWKAIENTDFLRGIFISRELLHLVTLRYSDSVGRVSFPSLVCFLMRLEAMAKTFRNLSKDGKGL
YLTEMEWMSLVMYN
;
_entity_poly.pdbx_strand_id   A
#
# COMPACT_ATOMS: atom_id res chain seq x y z
N SER A 12 -9.60 6.53 -20.39
CA SER A 12 -8.76 5.39 -19.96
C SER A 12 -7.80 5.76 -18.80
N GLY A 13 -7.80 4.87 -17.81
CA GLY A 13 -7.16 5.15 -16.55
C GLY A 13 -7.87 6.27 -15.82
N LEU A 14 -9.10 6.56 -16.25
CA LEU A 14 -9.98 7.55 -15.60
C LEU A 14 -11.14 6.87 -14.82
N VAL A 15 -11.49 5.64 -15.23
CA VAL A 15 -12.62 4.87 -14.66
C VAL A 15 -13.91 5.71 -14.47
N PRO A 16 -14.51 6.16 -15.61
CA PRO A 16 -15.75 6.96 -15.59
C PRO A 16 -16.93 6.13 -15.07
N GLY A 18 -19.70 4.60 -15.44
CA GLY A 18 -19.67 3.38 -14.57
C GLY A 18 -18.93 2.18 -15.15
N SER A 19 -17.59 2.25 -15.19
CA SER A 19 -16.72 1.18 -15.68
C SER A 19 -15.74 0.69 -14.58
N ASP A 20 -14.85 -0.26 -14.90
CA ASP A 20 -13.94 -0.94 -13.94
C ASP A 20 -12.50 -0.99 -14.49
N ILE A 21 -11.52 -1.19 -13.63
CA ILE A 21 -10.14 -1.38 -14.08
C ILE A 21 -9.62 -2.62 -13.37
N ASP A 22 -8.99 -3.53 -14.11
CA ASP A 22 -8.42 -4.73 -13.50
C ASP A 22 -6.91 -4.54 -13.25
N ALA A 23 -6.25 -5.54 -12.69
CA ALA A 23 -4.87 -5.34 -12.26
C ALA A 23 -3.95 -5.11 -13.45
N THR A 24 -4.26 -5.76 -14.59
CA THR A 24 -3.43 -5.66 -15.79
C THR A 24 -3.51 -4.24 -16.36
N GLN A 25 -4.71 -3.70 -16.39
CA GLN A 25 -4.92 -2.34 -16.85
C GLN A 25 -4.26 -1.34 -15.89
N LEU A 26 -4.44 -1.60 -14.60
CA LEU A 26 -3.88 -0.76 -13.56
C LEU A 26 -2.35 -0.71 -13.72
N GLN A 27 -1.73 -1.87 -13.96
CA GLN A 27 -0.28 -1.89 -14.15
C GLN A 27 0.17 -0.96 -15.28
N GLY A 28 -0.44 -1.07 -16.46
CA GLY A 28 -0.05 -0.23 -17.60
C GLY A 28 -0.19 1.24 -17.25
N LEU A 29 -1.30 1.58 -16.60
CA LEU A 29 -1.55 2.97 -16.22
C LEU A 29 -0.48 3.50 -15.26
N LEU A 30 -0.21 2.76 -14.18
CA LEU A 30 0.69 3.26 -13.13
C LEU A 30 2.11 3.39 -13.71
N ASN A 31 2.54 2.38 -14.46
CA ASN A 31 3.84 2.46 -15.06
C ASN A 31 4.00 3.63 -16.05
N GLN A 32 2.96 3.93 -16.83
CA GLN A 32 3.00 5.08 -17.75
C GLN A 32 2.95 6.44 -17.01
N GLU A 33 2.12 6.50 -15.98
CA GLU A 33 1.90 7.78 -15.27
C GLU A 33 2.95 8.12 -14.22
N LEU A 34 3.46 7.11 -13.52
CA LEU A 34 4.23 7.36 -12.29
C LEU A 34 5.73 7.12 -12.36
N LEU A 35 6.16 6.35 -13.35
CA LEU A 35 7.54 5.89 -13.44
C LEU A 35 8.09 6.26 -14.80
N ASP A 41 12.77 -0.08 -11.81
CA ASP A 41 11.65 0.25 -10.90
C ASP A 41 10.33 0.43 -11.63
N MET A 42 9.57 -0.65 -11.78
CA MET A 42 8.19 -0.54 -12.29
C MET A 42 7.29 -1.32 -11.32
N PHE A 43 5.98 -1.05 -11.36
CA PHE A 43 5.00 -1.90 -10.67
C PHE A 43 4.90 -3.22 -11.40
N SER A 44 4.99 -4.31 -10.64
CA SER A 44 4.79 -5.62 -11.24
C SER A 44 3.30 -5.91 -11.28
N LEU A 45 2.92 -6.89 -12.09
CA LEU A 45 1.49 -7.25 -12.19
C LEU A 45 1.04 -7.77 -10.81
N ASP A 46 1.88 -8.58 -10.17
CA ASP A 46 1.53 -9.15 -8.87
C ASP A 46 1.27 -8.02 -7.82
N GLU A 47 2.11 -6.99 -7.82
CA GLU A 47 1.90 -5.84 -6.94
C GLU A 47 0.56 -5.20 -7.25
N CYS A 48 0.21 -5.06 -8.54
CA CYS A 48 -1.10 -4.44 -8.88
C CYS A 48 -2.27 -5.28 -8.40
N ARG A 49 -2.12 -6.61 -8.41
CA ARG A 49 -3.16 -7.48 -7.86
C ARG A 49 -3.32 -7.25 -6.33
N SER A 50 -2.20 -7.03 -5.65
N SER A 50 -2.21 -7.01 -5.64
CA SER A 50 -2.21 -6.69 -4.23
CA SER A 50 -2.25 -6.71 -4.20
C SER A 50 -2.93 -5.37 -4.02
C SER A 50 -2.92 -5.35 -4.00
N LEU A 51 -2.58 -4.35 -4.83
CA LEU A 51 -3.24 -3.05 -4.74
C LEU A 51 -4.77 -3.15 -4.93
N VAL A 52 -5.19 -3.92 -5.94
CA VAL A 52 -6.61 -4.19 -6.15
C VAL A 52 -7.16 -4.84 -4.89
N ALA A 53 -6.51 -5.90 -4.39
CA ALA A 53 -7.06 -6.63 -3.22
C ALA A 53 -7.25 -5.68 -2.02
N LEU A 54 -6.26 -4.82 -1.78
CA LEU A 54 -6.31 -3.98 -0.58
C LEU A 54 -7.42 -2.94 -0.66
N MET A 55 -7.78 -2.53 -1.87
CA MET A 55 -8.70 -1.38 -2.10
C MET A 55 -10.12 -1.83 -2.42
N GLU A 56 -10.34 -3.13 -2.68
CA GLU A 56 -11.70 -3.58 -3.02
C GLU A 56 -12.67 -3.45 -1.84
N LEU A 57 -13.89 -3.03 -2.15
CA LEU A 57 -15.02 -3.00 -1.24
C LEU A 57 -15.99 -4.06 -1.72
N LYS A 58 -16.42 -3.98 -2.99
CA LYS A 58 -17.11 -5.11 -3.63
C LYS A 58 -16.08 -6.04 -4.29
N VAL A 59 -15.82 -7.18 -3.65
CA VAL A 59 -14.68 -8.03 -4.06
C VAL A 59 -14.97 -8.84 -5.33
N ASN A 60 -14.34 -8.44 -6.44
CA ASN A 60 -14.53 -9.15 -7.73
C ASN A 60 -13.30 -9.08 -8.63
N GLY A 61 -12.19 -8.65 -8.06
CA GLY A 61 -10.89 -8.60 -8.78
C GLY A 61 -10.77 -7.39 -9.70
N ARG A 62 -11.70 -6.44 -9.60
CA ARG A 62 -11.52 -5.18 -10.34
C ARG A 62 -11.93 -3.99 -9.52
N LEU A 63 -11.48 -2.81 -9.93
CA LEU A 63 -11.78 -1.59 -9.15
C LEU A 63 -12.87 -0.82 -9.87
N ASP A 64 -13.98 -0.57 -9.19
CA ASP A 64 -15.03 0.28 -9.78
C ASP A 64 -14.62 1.74 -9.55
N GLN A 65 -15.46 2.70 -9.93
CA GLN A 65 -15.05 4.10 -9.83
C GLN A 65 -14.69 4.51 -8.40
N GLU A 66 -15.49 4.08 -7.43
CA GLU A 66 -15.27 4.36 -6.00
C GLU A 66 -13.96 3.75 -5.49
N GLU A 67 -13.74 2.46 -5.77
CA GLU A 67 -12.53 1.80 -5.35
C GLU A 67 -11.28 2.43 -5.98
N PHE A 68 -11.37 2.73 -7.27
CA PHE A 68 -10.27 3.38 -7.97
C PHE A 68 -9.95 4.75 -7.38
N ALA A 69 -10.98 5.56 -7.10
CA ALA A 69 -10.79 6.87 -6.42
C ALA A 69 -9.99 6.71 -5.10
N ARG A 70 -10.32 5.66 -4.33
CA ARG A 70 -9.64 5.36 -3.06
C ARG A 70 -8.18 5.06 -3.28
N LEU A 71 -7.89 4.27 -4.31
CA LEU A 71 -6.53 3.89 -4.63
C LEU A 71 -5.80 5.12 -5.13
N TRP A 72 -6.44 5.87 -6.02
CA TRP A 72 -5.79 7.04 -6.65
C TRP A 72 -5.40 8.09 -5.62
N LYS A 73 -6.31 8.41 -4.69
CA LYS A 73 -6.04 9.42 -3.64
C LYS A 73 -4.77 9.04 -2.88
N ARG A 74 -4.66 7.76 -2.52
CA ARG A 74 -3.45 7.23 -1.84
C ARG A 74 -2.21 7.36 -2.71
N LEU A 75 -2.30 6.92 -3.96
CA LEU A 75 -1.19 7.01 -4.87
C LEU A 75 -0.65 8.46 -5.03
N VAL A 76 -1.57 9.43 -5.15
N VAL A 76 -1.53 9.45 -5.17
CA VAL A 76 -1.21 10.85 -5.25
CA VAL A 76 -1.02 10.83 -5.29
C VAL A 76 -0.44 11.26 -3.99
C VAL A 76 -0.40 11.30 -3.96
N HIS A 77 -0.96 10.84 -2.83
CA HIS A 77 -0.37 11.14 -1.55
C HIS A 77 1.05 10.53 -1.50
N TYR A 78 1.17 9.24 -1.87
CA TYR A 78 2.47 8.56 -1.84
C TYR A 78 3.49 9.23 -2.76
N GLN A 79 3.03 9.67 -3.92
CA GLN A 79 3.90 10.46 -4.82
C GLN A 79 4.49 11.65 -4.07
N HIS A 80 3.65 12.42 -3.41
CA HIS A 80 4.10 13.59 -2.64
C HIS A 80 5.12 13.17 -1.58
N VAL A 81 4.78 12.13 -0.80
CA VAL A 81 5.68 11.65 0.26
C VAL A 81 7.07 11.23 -0.32
N PHE A 82 7.05 10.44 -1.39
CA PHE A 82 8.31 9.97 -2.03
C PHE A 82 9.13 11.18 -2.48
N GLN A 83 8.47 12.13 -3.15
CA GLN A 83 9.12 13.38 -3.61
C GLN A 83 9.74 14.15 -2.46
N LYS A 84 9.03 14.22 -1.34
CA LYS A 84 9.50 14.98 -0.16
C LYS A 84 10.69 14.30 0.50
N VAL A 85 10.58 12.97 0.67
CA VAL A 85 11.59 12.19 1.42
C VAL A 85 12.82 11.67 0.65
N GLN A 86 12.75 11.63 -0.69
CA GLN A 86 13.78 11.01 -1.51
C GLN A 86 15.07 11.78 -1.37
N THR A 87 16.18 11.07 -1.51
CA THR A 87 17.51 11.69 -1.44
C THR A 87 17.84 12.31 -2.79
N SER A 88 17.38 11.65 -3.86
CA SER A 88 17.54 12.14 -5.23
C SER A 88 16.39 11.55 -6.06
N PRO A 89 16.13 12.11 -7.27
CA PRO A 89 15.04 11.55 -8.10
C PRO A 89 14.98 10.01 -8.12
N GLY A 90 13.89 9.45 -7.61
CA GLY A 90 13.69 8.01 -7.56
C GLY A 90 14.47 7.21 -6.52
N VAL A 91 15.26 7.88 -5.68
CA VAL A 91 16.06 7.21 -4.63
C VAL A 91 15.54 7.57 -3.23
N LEU A 92 14.88 6.61 -2.56
CA LEU A 92 14.45 6.80 -1.15
C LEU A 92 15.28 5.86 -0.27
N LEU A 93 15.97 6.37 0.73
CA LEU A 93 16.86 5.52 1.50
C LEU A 93 16.09 4.75 2.53
N SER A 94 16.49 3.50 2.75
CA SER A 94 15.94 2.66 3.81
C SER A 94 15.91 3.38 5.16
N SER A 95 16.94 4.14 5.47
CA SER A 95 17.03 4.75 6.78
C SER A 95 16.05 5.92 6.95
N ASP A 96 15.40 6.30 5.86
CA ASP A 96 14.44 7.40 5.85
C ASP A 96 13.02 6.87 5.78
N LEU A 97 12.85 5.55 5.80
CA LEU A 97 11.49 5.01 5.71
C LEU A 97 10.60 5.55 6.86
N TRP A 98 11.17 5.70 8.07
CA TRP A 98 10.40 6.29 9.17
C TRP A 98 9.78 7.66 8.79
N LYS A 99 10.49 8.44 7.97
CA LYS A 99 9.99 9.76 7.58
C LYS A 99 8.83 9.60 6.61
N ALA A 100 8.89 8.56 5.77
CA ALA A 100 7.75 8.29 4.86
C ALA A 100 6.49 7.98 5.63
N ILE A 101 6.63 7.18 6.69
CA ILE A 101 5.49 6.82 7.54
C ILE A 101 4.90 8.12 8.15
N GLU A 102 5.76 8.90 8.78
CA GLU A 102 5.34 10.14 9.46
C GLU A 102 4.54 11.08 8.57
N ASN A 103 4.91 11.10 7.28
CA ASN A 103 4.29 11.98 6.29
C ASN A 103 3.05 11.46 5.57
N THR A 104 2.56 10.32 6.04
CA THR A 104 1.43 9.63 5.44
C THR A 104 0.25 9.66 6.41
N ASP A 105 -0.62 10.66 6.24
CA ASP A 105 -1.80 10.87 7.06
C ASP A 105 -2.71 9.66 7.18
N PHE A 106 -2.73 8.81 6.15
CA PHE A 106 -3.59 7.62 6.21
C PHE A 106 -3.20 6.68 7.35
N LEU A 107 -1.97 6.84 7.82
CA LEU A 107 -1.47 6.00 8.91
C LEU A 107 -1.70 6.62 10.27
N ARG A 108 -2.49 7.68 10.36
CA ARG A 108 -2.59 8.36 11.65
C ARG A 108 -3.08 7.39 12.75
N GLY A 109 -2.53 7.51 13.95
CA GLY A 109 -2.82 6.59 15.04
C GLY A 109 -2.03 5.28 15.04
N ILE A 110 -1.24 5.01 13.98
CA ILE A 110 -0.45 3.78 13.89
C ILE A 110 0.99 4.00 14.36
N PHE A 111 1.40 3.17 15.30
CA PHE A 111 2.73 3.24 15.86
C PHE A 111 3.30 1.87 15.64
N ILE A 112 4.43 1.79 14.96
CA ILE A 112 5.06 0.47 14.83
C ILE A 112 6.30 0.45 15.70
N SER A 113 6.68 -0.73 16.18
CA SER A 113 7.89 -0.91 16.96
C SER A 113 9.13 -0.73 16.10
N ARG A 114 10.25 -0.46 16.77
CA ARG A 114 11.56 -0.49 16.14
C ARG A 114 11.81 -1.83 15.43
N GLU A 115 11.42 -2.94 16.06
CA GLU A 115 11.64 -4.23 15.45
C GLU A 115 10.79 -4.39 14.20
N LEU A 116 9.55 -3.95 14.27
CA LEU A 116 8.68 -4.08 13.07
C LEU A 116 9.20 -3.21 11.89
N LEU A 117 9.63 -2.00 12.21
CA LEU A 117 10.29 -1.15 11.23
C LEU A 117 11.47 -1.88 10.61
N HIS A 118 12.29 -2.53 11.43
CA HIS A 118 13.41 -3.32 10.92
C HIS A 118 12.93 -4.40 9.93
N LEU A 119 11.91 -5.17 10.31
CA LEU A 119 11.37 -6.19 9.41
C LEU A 119 10.85 -5.63 8.08
N VAL A 120 10.08 -4.57 8.15
CA VAL A 120 9.58 -3.99 6.93
C VAL A 120 10.71 -3.43 6.06
N THR A 121 11.75 -2.90 6.69
CA THR A 121 12.92 -2.43 5.95
C THR A 121 13.55 -3.60 5.16
N LEU A 122 13.69 -4.77 5.78
CA LEU A 122 14.26 -5.91 5.12
C LEU A 122 13.36 -6.30 3.93
N ARG A 123 12.05 -6.27 4.18
CA ARG A 123 11.06 -6.76 3.20
C ARG A 123 10.91 -5.82 1.98
N TYR A 124 11.05 -4.51 2.19
CA TYR A 124 10.77 -3.55 1.12
C TYR A 124 11.94 -2.84 0.45
N SER A 125 13.13 -3.07 0.98
CA SER A 125 14.27 -2.40 0.46
C SER A 125 15.15 -3.32 -0.39
N ASP A 126 15.89 -2.73 -1.33
CA ASP A 126 16.70 -3.56 -2.22
C ASP A 126 18.02 -3.80 -1.52
N SER A 127 18.99 -4.38 -2.21
CA SER A 127 20.22 -4.86 -1.53
C SER A 127 21.22 -3.75 -1.13
N VAL A 128 21.01 -2.54 -1.66
CA VAL A 128 21.87 -1.41 -1.35
C VAL A 128 21.17 -0.32 -0.50
N GLY A 129 20.07 -0.66 0.16
CA GLY A 129 19.44 0.26 1.10
C GLY A 129 18.57 1.33 0.43
N ARG A 130 17.95 0.99 -0.69
CA ARG A 130 17.06 1.91 -1.36
C ARG A 130 15.67 1.26 -1.35
N VAL A 131 14.64 2.09 -1.33
CA VAL A 131 13.26 1.63 -1.40
C VAL A 131 12.65 2.24 -2.66
N SER A 132 12.21 1.40 -3.59
CA SER A 132 11.63 1.95 -4.85
C SER A 132 10.24 2.55 -4.60
N PHE A 133 9.81 3.42 -5.51
CA PHE A 133 8.44 3.94 -5.38
C PHE A 133 7.37 2.81 -5.32
N PRO A 134 7.38 1.82 -6.27
CA PRO A 134 6.36 0.77 -6.14
C PRO A 134 6.43 0.06 -4.79
N SER A 135 7.64 -0.16 -4.27
CA SER A 135 7.79 -0.81 -2.94
C SER A 135 7.21 0.04 -1.83
N LEU A 136 7.50 1.35 -1.85
CA LEU A 136 6.95 2.24 -0.84
C LEU A 136 5.40 2.22 -0.88
N VAL A 137 4.86 2.32 -2.07
CA VAL A 137 3.37 2.25 -2.27
C VAL A 137 2.79 0.99 -1.61
N CYS A 138 3.30 -0.17 -2.01
CA CYS A 138 2.87 -1.45 -1.42
C CYS A 138 2.94 -1.43 0.12
N PHE A 139 4.08 -0.98 0.67
CA PHE A 139 4.30 -1.00 2.09
C PHE A 139 3.29 -0.09 2.79
N LEU A 140 3.20 1.15 2.34
CA LEU A 140 2.30 2.13 3.03
C LEU A 140 0.81 1.67 2.94
N MET A 141 0.40 1.13 1.80
CA MET A 141 -1.01 0.70 1.66
C MET A 141 -1.28 -0.53 2.55
N ARG A 142 -0.34 -1.48 2.53
CA ARG A 142 -0.47 -2.68 3.35
C ARG A 142 -0.48 -2.34 4.85
N LEU A 143 0.45 -1.49 5.29
CA LEU A 143 0.55 -1.10 6.71
C LEU A 143 -0.79 -0.54 7.16
N GLU A 144 -1.33 0.38 6.35
CA GLU A 144 -2.61 1.00 6.68
C GLU A 144 -3.69 -0.07 6.78
N ALA A 145 -3.76 -0.94 5.79
CA ALA A 145 -4.87 -1.94 5.75
C ALA A 145 -4.78 -2.88 6.97
N MET A 146 -3.58 -3.33 7.25
CA MET A 146 -3.38 -4.33 8.29
C MET A 146 -3.59 -3.69 9.64
N ALA A 147 -3.10 -2.46 9.83
CA ALA A 147 -3.34 -1.79 11.11
C ALA A 147 -4.83 -1.51 11.34
N LYS A 148 -5.55 -1.11 10.30
CA LYS A 148 -6.98 -0.82 10.42
C LYS A 148 -7.80 -2.07 10.68
N THR A 149 -7.46 -3.17 10.03
CA THR A 149 -8.08 -4.45 10.38
C THR A 149 -8.02 -4.74 11.88
N PHE A 150 -6.83 -4.61 12.45
CA PHE A 150 -6.67 -4.88 13.86
C PHE A 150 -7.51 -3.92 14.69
N ARG A 151 -7.29 -2.62 14.48
CA ARG A 151 -7.90 -1.59 15.30
C ARG A 151 -9.44 -1.74 15.24
N ASN A 152 -9.93 -2.10 14.05
CA ASN A 152 -11.37 -2.25 13.84
C ASN A 152 -11.99 -3.54 14.36
N LEU A 153 -11.23 -4.62 14.30
CA LEU A 153 -11.71 -5.90 14.84
C LEU A 153 -11.45 -6.09 16.35
N SER A 154 -10.43 -5.42 16.92
CA SER A 154 -10.08 -5.66 18.32
C SER A 154 -11.14 -5.11 19.26
N LYS A 155 -11.55 -5.91 20.24
CA LYS A 155 -12.52 -5.39 21.22
C LYS A 155 -11.92 -4.50 22.31
N ASP A 156 -10.64 -4.66 22.60
CA ASP A 156 -9.99 -3.90 23.68
C ASP A 156 -8.79 -3.06 23.22
N GLY A 157 -8.43 -3.17 21.95
CA GLY A 157 -7.26 -2.47 21.45
C GLY A 157 -5.97 -3.15 21.88
N LYS A 158 -6.07 -4.30 22.53
CA LYS A 158 -4.88 -5.03 22.97
C LYS A 158 -4.67 -6.28 22.16
N GLY A 159 -5.77 -6.95 21.84
CA GLY A 159 -5.68 -8.23 21.13
C GLY A 159 -6.80 -8.44 20.16
N LEU A 160 -6.65 -9.48 19.33
CA LEU A 160 -7.58 -9.80 18.30
C LEU A 160 -7.85 -11.31 18.39
N TYR A 161 -9.12 -11.71 18.35
CA TYR A 161 -9.48 -13.14 18.23
C TYR A 161 -10.03 -13.38 16.82
N LEU A 162 -9.50 -14.39 16.11
CA LEU A 162 -9.97 -14.69 14.77
C LEU A 162 -10.28 -16.18 14.64
N THR A 163 -11.36 -16.50 13.95
CA THR A 163 -11.59 -17.87 13.49
C THR A 163 -10.57 -18.24 12.39
N GLU A 164 -10.42 -19.53 12.17
CA GLU A 164 -9.53 -20.01 11.13
C GLU A 164 -9.87 -19.36 9.80
N MET A 165 -11.16 -19.37 9.49
CA MET A 165 -11.60 -18.91 8.21
C MET A 165 -11.36 -17.41 8.10
N GLU A 166 -11.56 -16.69 9.19
CA GLU A 166 -11.33 -15.24 9.23
C GLU A 166 -9.86 -14.94 9.01
N TRP A 167 -9.01 -15.61 9.79
CA TRP A 167 -7.57 -15.49 9.67
C TRP A 167 -7.14 -15.69 8.22
N MET A 168 -7.48 -16.85 7.64
CA MET A 168 -7.00 -17.22 6.30
C MET A 168 -7.47 -16.21 5.24
N SER A 169 -8.72 -15.77 5.32
CA SER A 169 -9.20 -14.82 4.35
C SER A 169 -8.47 -13.49 4.44
N LEU A 170 -8.31 -12.97 5.66
CA LEU A 170 -7.57 -11.72 5.85
C LEU A 170 -6.12 -11.81 5.39
N VAL A 171 -5.47 -12.94 5.60
CA VAL A 171 -4.04 -13.01 5.28
C VAL A 171 -3.77 -13.45 3.83
N MET A 172 -4.77 -14.02 3.18
CA MET A 172 -4.56 -14.50 1.79
C MET A 172 -5.03 -13.50 0.74
N TYR A 173 -6.06 -12.70 1.04
CA TYR A 173 -6.55 -11.77 0.00
C TYR A 173 -6.03 -10.37 0.34
N ASN A 174 -4.83 -10.07 -0.12
CA ASN A 174 -4.26 -8.77 0.17
C ASN A 174 -2.98 -8.57 -0.67
#